data_6TSV
#
_entry.id   6TSV
#
_cell.length_a   1.00
_cell.length_b   1.00
_cell.length_c   1.00
_cell.angle_alpha   90.00
_cell.angle_beta   90.00
_cell.angle_gamma   90.00
#
_symmetry.space_group_name_H-M   'P 1'
#
_entity_poly.entity_id   1
_entity_poly.type   'polypeptide(L)'
_entity_poly.pdbx_seq_one_letter_code
;MAAQNGKDLLIKLDLTGSGQFETIAGLRATRISFNAETVDVTSLESQGGWRELLGGAGVRSASISGAGVFKDADTDERAR
QIFFDGEVPEFQVIIPDFGIVQGPFMITSIDYAGSHNGEASYELAMASAGALSFTAI
;
_entity_poly.pdbx_strand_id   B,A,C,D
#
# COMPACT_ATOMS: atom_id res chain seq x y z
N ALA A 3 14.93 26.77 -22.83
CA ALA A 3 14.79 25.57 -23.64
C ALA A 3 15.89 24.60 -23.30
N GLN A 4 15.69 23.32 -23.61
CA GLN A 4 16.68 22.33 -23.25
C GLN A 4 16.56 21.13 -24.17
N ASN A 5 17.71 20.63 -24.62
CA ASN A 5 17.74 19.53 -25.57
C ASN A 5 17.34 18.22 -24.94
N GLY A 6 16.75 17.34 -25.73
CA GLY A 6 16.33 16.06 -25.22
C GLY A 6 17.44 15.05 -25.11
N LYS A 7 18.54 15.27 -25.83
CA LYS A 7 19.62 14.29 -25.75
C LYS A 7 20.45 14.43 -24.49
N ASP A 8 20.12 15.38 -23.62
CA ASP A 8 20.73 15.45 -22.30
C ASP A 8 19.84 14.93 -21.20
N LEU A 9 18.77 14.21 -21.55
CA LEU A 9 17.91 13.55 -20.57
C LEU A 9 18.34 12.10 -20.53
N LEU A 10 19.35 11.81 -19.74
CA LEU A 10 19.96 10.50 -19.70
C LEU A 10 19.39 9.71 -18.53
N ILE A 11 19.13 8.42 -18.76
CA ILE A 11 18.77 7.51 -17.70
C ILE A 11 19.93 6.55 -17.49
N LYS A 12 20.33 6.38 -16.24
CA LYS A 12 21.56 5.69 -15.91
C LYS A 12 21.32 4.46 -15.08
N LEU A 13 22.16 3.47 -15.29
CA LEU A 13 22.06 2.17 -14.66
C LEU A 13 23.35 1.90 -13.89
N ASP A 14 23.23 1.10 -12.82
CA ASP A 14 24.38 0.77 -12.01
C ASP A 14 25.11 -0.45 -12.55
N LEU A 15 26.42 -0.32 -12.70
CA LEU A 15 27.23 -1.46 -13.14
C LEU A 15 27.59 -2.36 -11.97
N THR A 16 28.17 -1.78 -10.92
CA THR A 16 28.55 -2.56 -9.74
C THR A 16 27.48 -2.58 -8.67
N GLY A 17 26.34 -1.91 -8.90
CA GLY A 17 25.32 -1.83 -7.89
C GLY A 17 25.55 -0.77 -6.85
N SER A 18 26.66 -0.04 -6.93
CA SER A 18 27.01 0.99 -5.93
C SER A 18 27.67 2.16 -6.65
N GLY A 19 26.86 3.15 -7.02
CA GLY A 19 27.35 4.45 -7.43
C GLY A 19 27.94 4.55 -8.82
N GLN A 20 28.25 3.43 -9.48
CA GLN A 20 28.85 3.47 -10.81
C GLN A 20 27.72 3.51 -11.82
N PHE A 21 27.31 4.71 -12.20
CA PHE A 21 26.15 4.92 -13.05
C PHE A 21 26.57 5.22 -14.48
N GLU A 22 26.05 4.44 -15.42
CA GLU A 22 26.31 4.65 -16.83
C GLU A 22 25.00 4.61 -17.60
N THR A 23 24.96 5.34 -18.70
CA THR A 23 23.84 5.26 -19.63
C THR A 23 23.82 3.89 -20.27
N ILE A 24 22.63 3.43 -20.66
CA ILE A 24 22.46 2.02 -21.02
C ILE A 24 23.16 1.70 -22.33
N ALA A 25 22.68 2.28 -23.42
CA ALA A 25 23.12 1.91 -24.76
C ALA A 25 22.67 3.03 -25.68
N GLY A 26 22.66 2.76 -26.97
CA GLY A 26 21.98 3.68 -27.85
C GLY A 26 20.50 3.63 -27.57
N LEU A 27 20.00 4.62 -26.86
CA LEU A 27 18.59 4.72 -26.57
C LEU A 27 18.05 5.93 -27.31
N ARG A 28 16.96 5.73 -28.03
CA ARG A 28 16.49 6.78 -28.90
C ARG A 28 15.36 7.59 -28.30
N ALA A 29 14.56 7.00 -27.43
CA ALA A 29 13.48 7.72 -26.78
C ALA A 29 13.45 7.28 -25.34
N THR A 30 13.37 8.25 -24.44
CA THR A 30 13.36 7.96 -23.01
C THR A 30 12.30 8.79 -22.32
N ARG A 31 11.76 8.24 -21.23
CA ARG A 31 10.68 8.88 -20.51
C ARG A 31 10.65 8.35 -19.09
N ILE A 32 10.66 9.26 -18.13
CA ILE A 32 10.32 8.96 -16.75
C ILE A 32 8.94 9.50 -16.49
N SER A 33 8.05 8.67 -15.97
CA SER A 33 6.64 9.03 -15.83
C SER A 33 6.21 8.85 -14.38
N PHE A 34 5.77 9.93 -13.75
CA PHE A 34 5.33 9.89 -12.37
C PHE A 34 3.81 9.80 -12.30
N ASN A 35 3.30 9.24 -11.21
CA ASN A 35 1.87 9.02 -11.06
C ASN A 35 1.45 9.17 -9.61
N ALA A 36 0.25 9.70 -9.41
CA ALA A 36 -0.40 9.71 -8.10
C ALA A 36 -1.70 8.94 -8.21
N GLU A 37 -2.39 8.76 -7.09
CA GLU A 37 -3.44 7.76 -7.10
C GLU A 37 -4.85 8.34 -6.99
N THR A 38 -4.98 9.66 -6.81
CA THR A 38 -6.24 10.43 -6.71
C THR A 38 -7.28 9.78 -5.78
N VAL A 39 -6.96 9.81 -4.50
CA VAL A 39 -7.83 9.21 -3.49
C VAL A 39 -9.00 10.15 -3.17
N ASP A 40 -10.20 9.71 -3.51
CA ASP A 40 -11.38 10.57 -3.51
C ASP A 40 -11.93 10.68 -2.09
N VAL A 41 -12.08 11.91 -1.62
CA VAL A 41 -12.74 12.20 -0.35
C VAL A 41 -13.84 13.20 -0.68
N THR A 42 -15.02 12.72 -0.99
CA THR A 42 -16.11 13.61 -1.37
C THR A 42 -17.17 13.53 -0.28
N SER A 43 -17.30 14.60 0.48
CA SER A 43 -18.21 14.65 1.59
C SER A 43 -19.67 14.73 1.14
N LEU A 44 -20.55 14.84 2.12
CA LEU A 44 -21.93 15.21 1.83
C LEU A 44 -21.99 16.68 1.46
N GLU A 45 -21.14 17.50 2.07
CA GLU A 45 -21.08 18.92 1.77
C GLU A 45 -19.81 19.19 0.97
N SER A 46 -19.97 19.77 -0.20
CA SER A 46 -18.79 20.10 -0.99
C SER A 46 -18.96 21.40 -1.74
N GLN A 47 -19.77 22.31 -1.18
CA GLN A 47 -20.12 23.65 -1.69
C GLN A 47 -20.36 23.66 -3.21
N GLY A 48 -21.39 22.90 -3.60
CA GLY A 48 -21.77 22.76 -4.99
C GLY A 48 -21.56 21.37 -5.54
N GLY A 49 -20.94 20.48 -4.78
CA GLY A 49 -20.68 19.15 -5.28
C GLY A 49 -19.37 19.00 -5.98
N TRP A 50 -18.37 19.81 -5.65
CA TRP A 50 -17.08 19.63 -6.28
C TRP A 50 -16.36 18.46 -5.66
N ARG A 51 -15.68 17.70 -6.51
CA ARG A 51 -14.93 16.54 -6.03
C ARG A 51 -13.72 17.01 -5.25
N GLU A 52 -13.72 16.70 -3.97
CA GLU A 52 -12.64 17.10 -3.08
C GLU A 52 -11.65 15.95 -3.01
N LEU A 53 -10.37 16.29 -2.98
CA LEU A 53 -9.32 15.29 -3.00
C LEU A 53 -8.47 15.42 -1.75
N LEU A 54 -7.66 14.42 -1.50
CA LEU A 54 -6.96 14.40 -0.22
C LEU A 54 -5.48 14.70 -0.35
N GLY A 55 -4.85 14.25 -1.41
CA GLY A 55 -3.49 14.68 -1.68
C GLY A 55 -2.42 13.81 -1.07
N GLY A 56 -2.25 13.88 0.24
CA GLY A 56 -1.15 13.18 0.88
C GLY A 56 -1.31 11.68 0.93
N ALA A 57 -2.53 11.18 0.76
CA ALA A 57 -2.81 9.78 1.07
C ALA A 57 -2.51 8.84 -0.08
N GLY A 58 -2.57 9.32 -1.32
CA GLY A 58 -2.43 8.42 -2.45
C GLY A 58 -1.01 7.90 -2.59
N VAL A 59 -0.89 6.66 -3.05
CA VAL A 59 0.43 6.10 -3.28
C VAL A 59 0.99 6.72 -4.56
N ARG A 60 2.30 6.89 -4.59
CA ARG A 60 2.93 7.54 -5.73
C ARG A 60 3.98 6.64 -6.34
N SER A 61 4.19 6.81 -7.64
CA SER A 61 5.01 5.90 -8.40
C SER A 61 5.78 6.65 -9.46
N ALA A 62 6.78 5.97 -10.01
CA ALA A 62 7.56 6.49 -11.12
C ALA A 62 7.77 5.36 -12.10
N SER A 63 7.49 5.62 -13.37
CA SER A 63 7.61 4.60 -14.41
C SER A 63 8.59 5.07 -15.46
N ILE A 64 9.62 4.28 -15.69
CA ILE A 64 10.62 4.58 -16.70
C ILE A 64 10.17 3.90 -17.99
N SER A 65 10.35 4.58 -19.10
CA SER A 65 10.14 3.97 -20.40
C SER A 65 11.29 4.36 -21.30
N GLY A 66 12.09 3.39 -21.70
CA GLY A 66 13.21 3.67 -22.57
C GLY A 66 13.20 2.76 -23.78
N ALA A 67 13.53 3.31 -24.94
CA ALA A 67 13.59 2.53 -26.16
C ALA A 67 14.82 2.95 -26.95
N GLY A 68 15.40 2.01 -27.69
CA GLY A 68 16.53 2.40 -28.49
C GLY A 68 17.07 1.24 -29.29
N VAL A 69 18.26 1.47 -29.85
CA VAL A 69 18.90 0.47 -30.70
C VAL A 69 19.77 -0.43 -29.85
N PHE A 70 19.86 -1.69 -30.26
CA PHE A 70 20.65 -2.65 -29.51
C PHE A 70 22.12 -2.41 -29.79
N LYS A 71 22.78 -1.71 -28.89
CA LYS A 71 24.24 -1.61 -28.88
C LYS A 71 24.72 -2.44 -27.70
N ASP A 72 25.43 -3.53 -27.97
CA ASP A 72 25.74 -4.52 -26.95
C ASP A 72 26.85 -4.07 -26.00
N ALA A 73 26.61 -2.96 -25.33
CA ALA A 73 27.54 -2.51 -24.31
C ALA A 73 27.44 -3.39 -23.08
N ASP A 74 28.42 -3.25 -22.19
CA ASP A 74 28.36 -3.94 -20.91
C ASP A 74 27.22 -3.44 -20.05
N THR A 75 26.84 -2.18 -20.23
CA THR A 75 25.70 -1.64 -19.50
C THR A 75 24.40 -2.23 -20.00
N ASP A 76 24.37 -2.69 -21.24
CA ASP A 76 23.18 -3.35 -21.75
C ASP A 76 23.06 -4.78 -21.20
N GLU A 77 24.19 -5.46 -21.02
CA GLU A 77 24.14 -6.81 -20.45
C GLU A 77 23.83 -6.76 -18.98
N ARG A 78 24.26 -5.70 -18.31
CA ARG A 78 23.89 -5.50 -16.91
C ARG A 78 22.43 -5.14 -16.77
N ALA A 79 21.80 -4.63 -17.83
CA ALA A 79 20.36 -4.50 -17.83
C ALA A 79 19.68 -5.84 -18.07
N ARG A 80 20.31 -6.72 -18.84
CA ARG A 80 19.68 -8.00 -19.12
C ARG A 80 19.72 -8.90 -17.91
N GLN A 81 20.85 -8.94 -17.20
CA GLN A 81 20.99 -9.95 -16.17
C GLN A 81 20.17 -9.60 -14.93
N ILE A 82 19.98 -8.31 -14.63
CA ILE A 82 19.15 -7.96 -13.49
C ILE A 82 17.69 -8.23 -13.72
N PHE A 83 17.29 -8.50 -14.94
CA PHE A 83 15.96 -9.06 -15.11
C PHE A 83 15.95 -10.51 -14.68
N PHE A 84 17.03 -11.24 -14.93
CA PHE A 84 16.99 -12.69 -14.72
C PHE A 84 17.01 -13.05 -13.24
N ASP A 85 18.07 -12.70 -12.51
CA ASP A 85 17.98 -12.80 -11.06
C ASP A 85 17.33 -11.52 -10.58
N GLY A 86 16.00 -11.49 -10.68
CA GLY A 86 15.20 -10.28 -10.61
C GLY A 86 15.34 -9.53 -9.32
N GLU A 87 16.01 -8.39 -9.40
CA GLU A 87 16.34 -7.61 -8.23
C GLU A 87 15.88 -6.19 -8.49
N VAL A 88 16.07 -5.33 -7.49
CA VAL A 88 15.60 -3.95 -7.59
C VAL A 88 16.76 -2.98 -7.43
N PRO A 89 17.66 -2.90 -8.41
CA PRO A 89 18.85 -2.08 -8.23
C PRO A 89 18.53 -0.61 -8.37
N GLU A 90 19.55 0.19 -8.10
CA GLU A 90 19.38 1.63 -8.06
C GLU A 90 19.58 2.23 -9.45
N PHE A 91 18.67 3.12 -9.83
CA PHE A 91 18.72 3.79 -11.12
C PHE A 91 18.76 5.29 -10.93
N GLN A 92 19.03 5.98 -12.03
CA GLN A 92 19.26 7.42 -11.99
C GLN A 92 18.86 8.03 -13.31
N VAL A 93 17.85 8.89 -13.26
CA VAL A 93 17.40 9.66 -14.41
C VAL A 93 17.89 11.08 -14.22
N ILE A 94 18.53 11.64 -15.22
CA ILE A 94 18.99 13.02 -15.15
C ILE A 94 18.09 13.84 -16.05
N ILE A 95 17.13 14.52 -15.44
CA ILE A 95 16.37 15.57 -16.11
C ILE A 95 17.39 16.66 -16.35
N PRO A 96 17.56 17.16 -17.59
CA PRO A 96 18.85 17.71 -18.03
C PRO A 96 19.37 18.91 -17.28
N ASP A 97 18.51 19.73 -16.69
CA ASP A 97 19.00 20.78 -15.82
C ASP A 97 18.12 20.96 -14.59
N PHE A 98 17.17 20.06 -14.35
CA PHE A 98 16.72 19.84 -12.98
C PHE A 98 17.81 19.19 -12.18
N GLY A 99 18.19 17.99 -12.56
CA GLY A 99 19.15 17.22 -11.81
C GLY A 99 18.76 15.77 -11.79
N ILE A 100 19.12 15.12 -10.71
CA ILE A 100 19.18 13.68 -10.64
C ILE A 100 17.93 13.17 -9.94
N VAL A 101 17.36 12.06 -10.43
CA VAL A 101 16.18 11.48 -9.79
C VAL A 101 16.55 10.48 -8.70
N GLN A 102 17.39 9.47 -9.02
CA GLN A 102 18.08 8.61 -8.04
C GLN A 102 17.09 7.83 -7.17
N GLY A 103 16.46 6.84 -7.78
CA GLY A 103 15.65 5.91 -7.04
C GLY A 103 15.96 4.48 -7.41
N PRO A 104 15.43 3.52 -6.64
CA PRO A 104 15.54 2.11 -7.04
C PRO A 104 14.35 1.74 -7.92
N PHE A 105 14.61 0.99 -8.98
CA PHE A 105 13.57 0.61 -9.91
C PHE A 105 13.71 -0.87 -10.23
N MET A 106 12.58 -1.51 -10.47
CA MET A 106 12.57 -2.88 -10.96
C MET A 106 12.34 -2.86 -12.46
N ILE A 107 13.12 -3.65 -13.19
CA ILE A 107 12.99 -3.71 -14.64
C ILE A 107 11.86 -4.68 -14.96
N THR A 108 10.68 -4.13 -15.25
CA THR A 108 9.51 -4.99 -15.46
C THR A 108 9.55 -5.64 -16.81
N SER A 109 9.78 -4.86 -17.86
CA SER A 109 9.68 -5.37 -19.22
C SER A 109 10.91 -4.95 -20.01
N ILE A 110 11.61 -5.93 -20.54
CA ILE A 110 12.68 -5.73 -21.49
C ILE A 110 12.34 -6.57 -22.71
N ASP A 111 12.62 -6.05 -23.90
CA ASP A 111 12.26 -6.80 -25.10
C ASP A 111 13.15 -6.43 -26.27
N TYR A 112 13.72 -7.44 -26.90
CA TYR A 112 14.68 -7.25 -27.97
C TYR A 112 14.00 -7.58 -29.30
N ALA A 113 13.93 -6.61 -30.19
CA ALA A 113 13.19 -6.75 -31.43
C ALA A 113 14.08 -6.47 -32.62
N GLY A 114 13.88 -7.21 -33.70
CA GLY A 114 14.65 -7.02 -34.91
C GLY A 114 13.78 -7.22 -36.13
N SER A 115 14.25 -6.69 -37.25
CA SER A 115 13.54 -6.79 -38.51
C SER A 115 14.52 -7.17 -39.61
N HIS A 116 14.00 -7.64 -40.74
CA HIS A 116 14.88 -8.03 -41.83
C HIS A 116 15.50 -6.81 -42.50
N ASN A 117 14.82 -5.67 -42.46
CA ASN A 117 15.28 -4.46 -43.09
C ASN A 117 15.62 -3.37 -42.08
N GLY A 118 15.65 -3.70 -40.80
CA GLY A 118 15.88 -2.72 -39.76
C GLY A 118 17.03 -3.13 -38.86
N GLU A 119 17.27 -2.30 -37.86
CA GLU A 119 18.26 -2.56 -36.86
C GLU A 119 17.66 -3.39 -35.74
N ALA A 120 18.51 -3.90 -34.85
CA ALA A 120 18.02 -4.57 -33.65
C ALA A 120 17.71 -3.53 -32.61
N SER A 121 16.47 -3.51 -32.15
CA SER A 121 16.04 -2.49 -31.22
C SER A 121 15.52 -3.12 -29.94
N TYR A 122 15.77 -2.44 -28.84
CA TYR A 122 15.25 -2.87 -27.56
C TYR A 122 14.40 -1.76 -26.97
N GLU A 123 13.29 -2.13 -26.37
CA GLU A 123 12.56 -1.24 -25.48
C GLU A 123 12.82 -1.71 -24.07
N LEU A 124 12.45 -0.87 -23.11
CA LEU A 124 12.84 -1.09 -21.73
C LEU A 124 11.91 -0.29 -20.84
N ALA A 125 11.15 -0.98 -19.99
CA ALA A 125 10.19 -0.33 -19.13
C ALA A 125 10.48 -0.72 -17.69
N MET A 126 10.50 0.26 -16.80
CA MET A 126 10.81 0.03 -15.41
C MET A 126 9.74 0.67 -14.54
N ALA A 127 9.64 0.20 -13.30
CA ALA A 127 8.66 0.72 -12.38
C ALA A 127 9.33 1.06 -11.06
N SER A 128 8.71 1.95 -10.30
CA SER A 128 9.28 2.42 -9.05
C SER A 128 9.33 1.29 -8.03
N ALA A 129 10.45 1.15 -7.35
CA ALA A 129 10.61 0.11 -6.36
C ALA A 129 10.80 0.65 -4.96
N GLY A 130 10.83 1.97 -4.79
CA GLY A 130 11.08 2.52 -3.48
C GLY A 130 11.02 4.02 -3.51
N ALA A 131 11.71 4.63 -2.56
CA ALA A 131 11.68 6.07 -2.44
C ALA A 131 12.46 6.74 -3.55
N LEU A 132 11.95 7.87 -4.02
CA LEU A 132 12.63 8.66 -5.02
C LEU A 132 13.23 9.89 -4.35
N SER A 133 14.22 10.48 -5.00
CA SER A 133 14.93 11.62 -4.43
C SER A 133 15.03 12.70 -5.48
N PHE A 134 15.81 13.74 -5.19
CA PHE A 134 16.05 14.80 -6.16
C PHE A 134 17.35 15.50 -5.76
N THR A 135 18.43 15.20 -6.47
CA THR A 135 19.72 15.70 -6.03
C THR A 135 19.98 17.12 -6.52
N ALA A 136 19.48 17.45 -7.71
CA ALA A 136 19.72 18.72 -8.41
C ALA A 136 21.21 19.05 -8.57
N ALA B 3 37.87 33.44 -55.45
CA ALA B 3 37.20 32.52 -56.36
C ALA B 3 37.93 31.21 -56.38
N GLN B 4 37.26 30.15 -56.81
CA GLN B 4 37.88 28.85 -56.79
C GLN B 4 37.21 27.95 -57.83
N ASN B 5 38.04 27.20 -58.56
CA ASN B 5 37.54 26.35 -59.63
C ASN B 5 36.81 25.14 -59.10
N GLY B 6 35.84 24.66 -59.87
CA GLY B 6 35.08 23.50 -59.45
C GLY B 6 35.78 22.20 -59.69
N LYS B 7 36.76 22.19 -60.59
CA LYS B 7 37.43 20.93 -60.87
C LYS B 7 38.44 20.56 -59.79
N ASP B 8 38.59 21.37 -58.75
CA ASP B 8 39.38 20.99 -57.60
C ASP B 8 38.53 20.57 -56.42
N LEU B 9 37.25 20.32 -56.62
CA LEU B 9 36.36 19.79 -55.59
C LEU B 9 36.26 18.30 -55.83
N LEU B 10 37.22 17.55 -55.30
CA LEU B 10 37.33 16.13 -55.55
C LEU B 10 36.70 15.36 -54.41
N ILE B 11 35.99 14.30 -54.75
CA ILE B 11 35.49 13.35 -53.76
C ILE B 11 36.26 12.06 -53.92
N LYS B 12 36.76 11.53 -52.82
CA LYS B 12 37.72 10.43 -52.84
C LYS B 12 37.17 9.21 -52.14
N LEU B 13 37.58 8.07 -52.65
CA LEU B 13 37.14 6.76 -52.18
C LEU B 13 38.34 5.96 -51.74
N ASP B 14 38.12 5.06 -50.78
CA ASP B 14 39.19 4.22 -50.27
C ASP B 14 39.37 2.96 -51.11
N LEU B 15 40.60 2.69 -51.51
CA LEU B 15 40.88 1.46 -52.25
C LEU B 15 41.08 0.29 -51.30
N THR B 16 41.97 0.44 -50.33
CA THR B 16 42.23 -0.63 -49.36
C THR B 16 41.39 -0.51 -48.11
N GLY B 17 40.53 0.50 -48.01
CA GLY B 17 39.76 0.73 -46.80
C GLY B 17 40.51 1.44 -45.71
N SER B 18 41.78 1.77 -45.91
CA SER B 18 42.60 2.42 -44.89
C SER B 18 43.52 3.44 -45.57
N GLY B 19 43.06 4.69 -45.63
CA GLY B 19 43.89 5.82 -45.97
C GLY B 19 44.28 5.98 -47.42
N GLN B 20 44.07 4.98 -48.27
CA GLN B 20 44.44 5.08 -49.67
C GLN B 20 43.25 5.67 -50.43
N PHE B 21 43.23 7.00 -50.55
CA PHE B 21 42.11 7.72 -51.11
C PHE B 21 42.39 8.13 -52.54
N GLU B 22 41.50 7.75 -53.44
CA GLU B 22 41.60 8.15 -54.84
C GLU B 22 40.26 8.66 -55.32
N THR B 23 40.32 9.56 -56.28
CA THR B 23 39.11 10.03 -56.96
C THR B 23 38.53 8.88 -57.77
N ILE B 24 37.21 8.90 -57.96
CA ILE B 24 36.50 7.72 -58.46
C ILE B 24 36.84 7.45 -59.92
N ALA B 25 36.44 8.36 -60.79
CA ALA B 25 36.51 8.13 -62.22
C ALA B 25 36.35 9.49 -62.89
N GLY B 26 36.06 9.49 -64.18
CA GLY B 26 35.61 10.73 -64.76
C GLY B 26 34.26 11.09 -64.20
N LEU B 27 34.26 12.03 -63.28
CA LEU B 27 33.02 12.52 -62.69
C LEU B 27 32.84 13.96 -63.14
N ARG B 28 31.65 14.26 -63.64
CA ARG B 28 31.45 15.55 -64.26
C ARG B 28 30.78 16.55 -63.34
N ALA B 29 29.96 16.09 -62.41
CA ALA B 29 29.31 16.98 -61.46
C ALA B 29 29.34 16.30 -60.10
N THR B 30 29.74 17.05 -59.09
CA THR B 30 29.85 16.51 -57.75
C THR B 30 29.25 17.48 -56.76
N ARG B 31 28.73 16.93 -55.66
CA ARG B 31 28.06 17.74 -54.65
C ARG B 31 28.06 16.99 -53.33
N ILE B 32 28.53 17.65 -52.29
CA ILE B 32 28.32 17.20 -50.91
C ILE B 32 27.26 18.10 -50.31
N SER B 33 26.22 17.51 -49.73
CA SER B 33 25.08 18.27 -49.25
C SER B 33 24.83 17.95 -47.79
N PHE B 34 24.89 18.98 -46.95
CA PHE B 34 24.68 18.82 -45.52
C PHE B 34 23.24 19.21 -45.16
N ASN B 35 22.74 18.63 -44.07
CA ASN B 35 21.36 18.86 -43.66
C ASN B 35 21.25 18.86 -42.14
N ALA B 36 20.34 19.69 -41.63
CA ALA B 36 19.95 19.66 -40.23
C ALA B 36 18.47 19.37 -40.17
N GLU B 37 17.92 19.22 -38.97
CA GLU B 37 16.60 18.62 -38.89
C GLU B 37 15.51 19.59 -38.41
N THR B 38 15.87 20.82 -38.06
CA THR B 38 14.99 21.92 -37.59
C THR B 38 13.94 21.46 -36.56
N VAL B 39 14.44 21.13 -35.38
CA VAL B 39 13.58 20.67 -34.29
C VAL B 39 12.87 21.85 -33.63
N ASP B 40 11.55 21.89 -33.77
CA ASP B 40 10.76 23.06 -33.40
C ASP B 40 10.51 23.07 -31.90
N VAL B 41 10.86 24.17 -31.25
CA VAL B 41 10.55 24.40 -29.85
C VAL B 41 9.83 25.75 -29.81
N THR B 42 8.52 25.73 -29.93
CA THR B 42 7.76 26.97 -29.96
C THR B 42 6.91 27.03 -28.71
N SER B 43 7.28 27.92 -27.80
CA SER B 43 6.62 28.04 -26.52
C SER B 43 5.25 28.67 -26.66
N LEU B 44 4.60 28.86 -25.51
CA LEU B 44 3.42 29.70 -25.46
C LEU B 44 3.81 31.16 -25.62
N GLU B 45 4.96 31.53 -25.09
CA GLU B 45 5.48 32.89 -25.21
C GLU B 45 6.62 32.88 -26.21
N SER B 46 6.52 33.71 -27.24
CA SER B 46 7.59 33.78 -28.21
C SER B 46 7.78 35.19 -28.73
N GLN B 47 7.43 36.18 -27.90
CA GLN B 47 7.49 37.63 -28.15
C GLN B 47 7.05 38.01 -29.57
N GLY B 48 5.77 37.71 -29.83
CA GLY B 48 5.17 37.96 -31.12
C GLY B 48 4.80 36.71 -31.88
N GLY B 49 5.18 35.54 -31.39
CA GLY B 49 4.87 34.33 -32.09
C GLY B 49 5.93 33.90 -33.08
N TRP B 50 7.19 34.27 -32.85
CA TRP B 50 8.24 33.82 -33.74
C TRP B 50 8.59 32.38 -33.45
N ARG B 51 8.82 31.62 -34.51
CA ARG B 51 9.18 30.23 -34.36
C ARG B 51 10.57 30.11 -33.79
N GLU B 52 10.68 29.59 -32.58
CA GLU B 52 11.93 29.44 -31.89
C GLU B 52 12.47 28.04 -32.16
N LEU B 53 13.77 27.95 -32.37
CA LEU B 53 14.40 26.69 -32.73
C LEU B 53 15.41 26.31 -31.67
N LEU B 54 15.86 25.07 -31.72
CA LEU B 54 16.68 24.58 -30.63
C LEU B 54 18.13 24.42 -31.02
N GLY B 55 18.40 24.00 -32.24
CA GLY B 55 19.77 24.02 -32.72
C GLY B 55 20.56 22.75 -32.46
N GLY B 56 20.93 22.51 -31.21
CA GLY B 56 21.80 21.39 -30.92
C GLY B 56 21.13 20.04 -31.03
N ALA B 57 19.80 20.00 -31.01
CA ALA B 57 19.11 18.73 -30.83
C ALA B 57 18.89 17.98 -32.13
N GLY B 58 18.81 18.68 -33.26
CA GLY B 58 18.46 18.02 -34.50
C GLY B 58 19.57 17.11 -34.99
N VAL B 59 19.18 16.01 -35.63
CA VAL B 59 20.17 15.12 -36.20
C VAL B 59 20.72 15.75 -37.47
N ARG B 60 21.99 15.50 -37.75
CA ARG B 60 22.63 16.13 -38.90
C ARG B 60 23.20 15.07 -39.82
N SER B 61 23.26 15.42 -41.09
CA SER B 61 23.58 14.45 -42.13
C SER B 61 24.39 15.11 -43.22
N ALA B 62 25.01 14.27 -44.04
CA ALA B 62 25.74 14.71 -45.21
C ALA B 62 25.39 13.79 -46.36
N SER B 63 25.03 14.36 -47.50
CA SER B 63 24.64 13.58 -48.66
C SER B 63 25.56 13.90 -49.82
N ILE B 64 26.20 12.88 -50.35
CA ILE B 64 27.08 13.03 -51.51
C ILE B 64 26.24 12.79 -52.74
N SER B 65 26.47 13.58 -53.78
CA SER B 65 25.87 13.33 -55.08
C SER B 65 26.94 13.50 -56.13
N GLY B 66 27.28 12.42 -56.81
CA GLY B 66 28.28 12.49 -57.85
C GLY B 66 27.78 11.88 -59.14
N ALA B 67 28.10 12.51 -60.25
CA ALA B 67 27.71 12.00 -61.55
C ALA B 67 28.86 12.15 -62.52
N GLY B 68 28.96 11.24 -63.47
CA GLY B 68 30.03 11.39 -64.43
C GLY B 68 30.01 10.30 -65.47
N VAL B 69 31.10 10.24 -66.23
CA VAL B 69 31.22 9.28 -67.31
C VAL B 69 31.83 7.99 -66.79
N PHE B 70 31.43 6.88 -67.37
CA PHE B 70 31.93 5.59 -66.92
C PHE B 70 33.33 5.40 -67.47
N LYS B 71 34.33 5.66 -66.64
CA LYS B 71 35.70 5.30 -66.92
C LYS B 71 36.04 4.14 -65.97
N ASP B 72 36.29 2.96 -66.54
CA ASP B 72 36.37 1.74 -65.73
C ASP B 72 37.71 1.62 -64.99
N ALA B 73 37.97 2.60 -64.13
CA ALA B 73 39.14 2.54 -63.28
C ALA B 73 38.92 1.51 -62.18
N ASP B 74 40.01 1.17 -61.50
CA ASP B 74 39.91 0.29 -60.35
C ASP B 74 39.15 0.95 -59.20
N THR B 75 39.20 2.28 -59.14
CA THR B 75 38.45 3.00 -58.12
C THR B 75 36.96 2.96 -58.41
N ASP B 76 36.59 2.78 -59.68
CA ASP B 76 35.18 2.64 -60.02
C ASP B 76 34.66 1.26 -59.64
N GLU B 77 35.49 0.23 -59.80
CA GLU B 77 35.07 -1.11 -59.40
C GLU B 77 35.02 -1.25 -57.89
N ARG B 78 35.88 -0.53 -57.19
CA ARG B 78 35.83 -0.51 -55.74
C ARG B 78 34.60 0.27 -55.26
N ALA B 79 34.06 1.14 -56.09
CA ALA B 79 32.76 1.73 -55.78
C ALA B 79 31.64 0.74 -56.04
N ARG B 80 31.79 -0.13 -57.03
CA ARG B 80 30.73 -1.06 -57.35
C ARG B 80 30.63 -2.14 -56.30
N GLN B 81 31.76 -2.67 -55.85
CA GLN B 81 31.71 -3.85 -55.00
C GLN B 81 31.25 -3.51 -53.59
N ILE B 82 31.56 -2.31 -53.09
CA ILE B 82 31.10 -1.94 -51.77
C ILE B 82 29.61 -1.67 -51.73
N PHE B 83 28.97 -1.56 -52.87
CA PHE B 83 27.51 -1.63 -52.83
C PHE B 83 27.05 -3.06 -52.60
N PHE B 84 27.77 -4.04 -53.15
CA PHE B 84 27.26 -5.40 -53.13
C PHE B 84 27.38 -6.03 -51.75
N ASP B 85 28.59 -6.18 -51.22
CA ASP B 85 28.69 -6.53 -49.81
C ASP B 85 28.60 -5.22 -49.03
N GLY B 86 27.36 -4.75 -48.86
CA GLY B 86 27.05 -3.39 -48.47
C GLY B 86 27.65 -2.98 -47.15
N GLU B 87 28.65 -2.13 -47.21
CA GLU B 87 29.40 -1.72 -46.05
C GLU B 87 29.43 -0.21 -46.01
N VAL B 88 30.04 0.34 -44.98
CA VAL B 88 30.08 1.79 -44.79
C VAL B 88 31.51 2.28 -44.76
N PRO B 89 32.23 2.26 -45.88
CA PRO B 89 33.64 2.61 -45.85
C PRO B 89 33.84 4.10 -45.72
N GLU B 90 35.10 4.48 -45.57
CA GLU B 90 35.45 5.85 -45.31
C GLU B 90 35.63 6.61 -46.61
N PHE B 91 35.05 7.80 -46.68
CA PHE B 91 35.14 8.65 -47.85
C PHE B 91 35.72 10.00 -47.48
N GLN B 92 36.04 10.78 -48.51
CA GLN B 92 36.77 12.02 -48.33
C GLN B 92 36.41 12.98 -49.45
N VAL B 93 35.78 14.08 -49.09
CA VAL B 93 35.47 15.15 -50.01
C VAL B 93 36.43 16.29 -49.74
N ILE B 94 37.07 16.79 -50.78
CA ILE B 94 37.99 17.91 -50.62
C ILE B 94 37.31 19.13 -51.19
N ILE B 95 36.75 19.95 -50.32
CA ILE B 95 36.31 21.29 -50.68
C ILE B 95 37.60 22.03 -50.99
N PRO B 96 37.74 22.69 -52.16
CA PRO B 96 39.07 22.86 -52.78
C PRO B 96 40.08 23.67 -51.99
N ASP B 97 39.66 24.60 -51.15
CA ASP B 97 40.61 25.24 -50.26
C ASP B 97 40.04 25.46 -48.86
N PHE B 98 38.87 24.88 -48.56
CA PHE B 98 38.58 24.55 -47.18
C PHE B 98 39.49 23.44 -46.68
N GLY B 99 39.36 22.28 -47.30
CA GLY B 99 40.09 21.12 -46.87
C GLY B 99 39.23 19.90 -46.95
N ILE B 100 39.51 18.98 -46.08
CA ILE B 100 39.06 17.60 -46.20
C ILE B 100 37.84 17.39 -45.33
N VAL B 101 36.86 16.63 -45.82
CA VAL B 101 35.66 16.36 -45.04
C VAL B 101 35.82 15.09 -44.19
N GLN B 102 36.19 13.96 -44.81
CA GLN B 102 36.67 12.75 -44.12
C GLN B 102 35.62 12.17 -43.15
N GLY B 103 34.60 11.57 -43.76
CA GLY B 103 33.63 10.82 -42.99
C GLY B 103 33.37 9.46 -43.60
N PRO B 104 32.68 8.59 -42.87
CA PRO B 104 32.21 7.33 -43.47
C PRO B 104 30.85 7.53 -44.12
N PHE B 105 30.68 6.96 -45.29
CA PHE B 105 29.44 7.10 -46.03
C PHE B 105 29.01 5.75 -46.56
N MET B 106 27.70 5.56 -46.66
CA MET B 106 27.14 4.39 -47.30
C MET B 106 26.72 4.78 -48.71
N ILE B 107 27.05 3.93 -49.68
CA ILE B 107 26.70 4.19 -51.07
C ILE B 107 25.26 3.71 -51.28
N THR B 108 24.31 4.65 -51.23
CA THR B 108 22.91 4.27 -51.30
C THR B 108 22.51 3.91 -52.72
N SER B 109 22.85 4.76 -53.68
CA SER B 109 22.38 4.58 -55.04
C SER B 109 23.54 4.74 -56.01
N ILE B 110 23.77 3.70 -56.79
CA ILE B 110 24.68 3.73 -57.91
C ILE B 110 23.90 3.29 -59.13
N ASP B 111 24.14 3.91 -60.28
CA ASP B 111 23.38 3.57 -61.47
C ASP B 111 24.17 3.85 -62.74
N TYR B 112 24.24 2.84 -63.60
CA TYR B 112 25.03 2.92 -64.82
C TYR B 112 24.09 3.08 -66.00
N ALA B 113 24.24 4.18 -66.73
CA ALA B 113 23.31 4.53 -67.79
C ALA B 113 24.06 4.72 -69.10
N GLY B 114 23.46 4.30 -70.19
CA GLY B 114 24.05 4.48 -71.50
C GLY B 114 22.99 4.80 -72.53
N SER B 115 23.45 5.36 -73.65
CA SER B 115 22.57 5.73 -74.75
C SER B 115 23.19 5.28 -76.05
N HIS B 116 22.36 5.23 -77.10
CA HIS B 116 22.88 4.79 -78.39
C HIS B 116 23.78 5.86 -79.01
N ASN B 117 23.55 7.12 -78.68
CA ASN B 117 24.31 8.22 -79.23
C ASN B 117 25.15 8.93 -78.18
N GLY B 118 25.26 8.38 -76.99
CA GLY B 118 25.96 9.01 -75.90
C GLY B 118 27.01 8.09 -75.31
N GLU B 119 27.67 8.60 -74.29
CA GLU B 119 28.65 7.83 -73.55
C GLU B 119 27.97 7.05 -72.45
N ALA B 120 28.72 6.14 -71.83
CA ALA B 120 28.22 5.45 -70.66
C ALA B 120 28.44 6.31 -69.44
N SER B 121 27.37 6.62 -68.73
CA SER B 121 27.46 7.54 -67.62
C SER B 121 26.96 6.87 -66.36
N TYR B 122 27.59 7.21 -65.24
CA TYR B 122 27.15 6.72 -63.95
C TYR B 122 26.84 7.92 -63.07
N GLU B 123 25.77 7.82 -62.30
CA GLU B 123 25.53 8.70 -61.18
C GLU B 123 25.82 7.91 -59.91
N LEU B 124 25.93 8.62 -58.80
CA LEU B 124 26.41 8.03 -57.57
C LEU B 124 25.95 8.90 -56.42
N ALA B 125 25.15 8.33 -55.53
CA ALA B 125 24.61 9.08 -54.41
C ALA B 125 24.95 8.34 -53.13
N MET B 126 25.45 9.07 -52.15
CA MET B 126 25.86 8.50 -50.88
C MET B 126 25.22 9.27 -49.74
N ALA B 127 25.16 8.63 -48.58
CA ALA B 127 24.56 9.25 -47.41
C ALA B 127 25.50 9.10 -46.23
N SER B 128 25.35 9.97 -45.25
CA SER B 128 26.23 9.98 -44.08
C SER B 128 26.02 8.73 -43.26
N ALA B 129 27.13 8.11 -42.84
CA ALA B 129 27.06 6.90 -42.05
C ALA B 129 27.63 7.08 -40.65
N GLY B 130 28.14 8.26 -40.33
CA GLY B 130 28.76 8.44 -39.05
C GLY B 130 29.22 9.87 -38.86
N ALA B 131 30.21 10.03 -38.00
CA ALA B 131 30.71 11.36 -37.68
C ALA B 131 31.50 11.93 -38.84
N LEU B 132 31.34 13.23 -39.05
CA LEU B 132 32.10 13.95 -40.05
C LEU B 132 33.19 14.77 -39.37
N SER B 133 34.21 15.12 -40.13
CA SER B 133 35.34 15.84 -39.57
C SER B 133 35.66 17.02 -40.47
N PHE B 134 36.79 17.68 -40.21
CA PHE B 134 37.23 18.77 -41.07
C PHE B 134 38.74 18.94 -40.85
N THR B 135 39.53 18.45 -41.80
CA THR B 135 40.96 18.42 -41.57
C THR B 135 41.62 19.75 -41.91
N ALA B 136 41.10 20.45 -42.92
CA ALA B 136 41.66 21.68 -43.50
C ALA B 136 43.12 21.54 -43.90
N ALA C 3 -11.10 16.80 6.56
CA ALA C 3 -10.67 15.54 5.98
C ALA C 3 -9.42 15.06 6.66
N GLN C 4 -9.13 13.76 6.57
CA GLN C 4 -7.98 13.23 7.27
C GLN C 4 -7.51 11.96 6.57
N ASN C 5 -6.20 11.84 6.41
CA ASN C 5 -5.62 10.71 5.71
C ASN C 5 -5.71 9.43 6.51
N GLY C 6 -5.80 8.31 5.81
CA GLY C 6 -5.89 7.03 6.48
C GLY C 6 -4.56 6.50 6.95
N LYS C 7 -3.47 7.00 6.39
CA LYS C 7 -2.19 6.47 6.82
C LYS C 7 -1.73 7.06 8.14
N ASP C 8 -2.52 7.92 8.77
CA ASP C 8 -2.25 8.37 10.12
C ASP C 8 -3.15 7.70 11.15
N LEU C 9 -3.84 6.62 10.78
CA LEU C 9 -4.63 5.83 11.71
C LEU C 9 -3.78 4.63 12.09
N LEU C 10 -2.92 4.82 13.08
CA LEU C 10 -1.94 3.82 13.46
C LEU C 10 -2.48 3.03 14.64
N ILE C 11 -2.25 1.72 14.62
CA ILE C 11 -2.52 0.87 15.77
C ILE C 11 -1.19 0.40 16.34
N LYS C 12 -1.04 0.55 17.65
CA LYS C 12 0.26 0.39 18.28
C LYS C 12 0.23 -0.75 19.29
N LEU C 13 1.37 -1.41 19.40
CA LEU C 13 1.57 -2.57 20.24
C LEU C 13 2.68 -2.28 21.25
N ASP C 14 2.60 -2.92 22.41
CA ASP C 14 3.60 -2.74 23.45
C ASP C 14 4.78 -3.68 23.26
N LEU C 15 5.98 -3.12 23.29
CA LEU C 15 7.17 -3.95 23.22
C LEU C 15 7.55 -4.51 24.58
N THR C 16 7.67 -3.66 25.58
CA THR C 16 8.01 -4.09 26.92
C THR C 16 6.80 -4.36 27.79
N GLY C 17 5.59 -4.17 27.27
CA GLY C 17 4.40 -4.31 28.08
C GLY C 17 4.06 -3.11 28.92
N SER C 18 4.88 -2.05 28.88
CA SER C 18 4.66 -0.86 29.71
C SER C 18 5.05 0.37 28.90
N GLY C 19 4.06 0.95 28.23
CA GLY C 19 4.19 2.29 27.65
C GLY C 19 5.00 2.42 26.39
N GLN C 20 5.77 1.41 26.00
CA GLN C 20 6.60 1.48 24.81
C GLN C 20 5.76 1.00 23.64
N PHE C 21 5.08 1.93 22.97
CA PHE C 21 4.13 1.62 21.93
C PHE C 21 4.73 1.85 20.55
N GLU C 22 4.69 0.83 19.71
CA GLU C 22 5.16 0.96 18.34
C GLU C 22 4.13 0.35 17.40
N THR C 23 4.09 0.88 16.19
CA THR C 23 3.29 0.32 15.13
C THR C 23 3.85 -1.05 14.76
N ILE C 24 2.98 -1.95 14.29
CA ILE C 24 3.34 -3.36 14.16
C ILE C 24 4.36 -3.57 13.07
N ALA C 25 3.97 -3.33 11.83
CA ALA C 25 4.77 -3.69 10.67
C ALA C 25 4.20 -2.92 9.50
N GLY C 26 4.55 -3.33 8.29
CA GLY C 26 3.82 -2.83 7.16
C GLY C 26 2.40 -3.36 7.20
N LEU C 27 1.48 -2.52 7.63
CA LEU C 27 0.08 -2.89 7.67
C LEU C 27 -0.64 -2.04 6.64
N ARG C 28 -1.43 -2.69 5.81
CA ARG C 28 -2.01 -1.98 4.68
C ARG C 28 -3.44 -1.56 4.94
N ALA C 29 -4.18 -2.28 5.76
CA ALA C 29 -5.55 -1.90 6.09
C ALA C 29 -5.74 -2.14 7.57
N THR C 30 -6.31 -1.16 8.25
CA THR C 30 -6.52 -1.25 9.67
C THR C 30 -7.92 -0.76 10.02
N ARG C 31 -8.47 -1.33 11.10
CA ARG C 31 -9.84 -1.01 11.51
C ARG C 31 -10.00 -1.34 12.97
N ILE C 32 -10.49 -0.37 13.74
CA ILE C 32 -10.99 -0.60 15.08
C ILE C 32 -12.51 -0.55 15.00
N SER C 33 -13.17 -1.57 15.54
CA SER C 33 -14.61 -1.69 15.38
C SER C 33 -15.25 -1.85 16.74
N PHE C 34 -16.14 -0.91 17.08
CA PHE C 34 -16.84 -0.93 18.36
C PHE C 34 -18.22 -1.53 18.20
N ASN C 35 -18.75 -2.10 19.28
CA ASN C 35 -20.03 -2.78 19.24
C ASN C 35 -20.78 -2.61 20.56
N ALA C 36 -22.10 -2.51 20.46
CA ALA C 36 -22.98 -2.55 21.62
C ALA C 36 -23.91 -3.75 21.46
N GLU C 37 -24.73 -4.00 22.46
CA GLU C 37 -25.39 -5.31 22.47
C GLU C 37 -26.90 -5.24 22.25
N THR C 38 -27.48 -4.04 22.15
CA THR C 38 -28.90 -3.74 21.91
C THR C 38 -29.85 -4.60 22.76
N VAL C 39 -29.83 -4.30 24.06
CA VAL C 39 -30.67 -5.03 25.01
C VAL C 39 -32.12 -4.53 24.95
N ASP C 40 -33.02 -5.40 24.51
CA ASP C 40 -34.38 -5.02 24.18
C ASP C 40 -35.22 -4.92 25.44
N VAL C 41 -35.85 -3.78 25.64
CA VAL C 41 -36.82 -3.58 26.71
C VAL C 41 -38.09 -3.07 26.04
N THR C 42 -38.96 -3.97 25.64
CA THR C 42 -40.17 -3.58 24.93
C THR C 42 -41.35 -3.87 25.82
N SER C 43 -41.98 -2.83 26.34
CA SER C 43 -43.07 -2.96 27.28
C SER C 43 -44.35 -3.44 26.58
N LEU C 44 -45.40 -3.55 27.37
CA LEU C 44 -46.73 -3.71 26.80
C LEU C 44 -47.17 -2.41 26.15
N GLU C 45 -46.79 -1.28 26.73
CA GLU C 45 -47.11 0.02 26.18
C GLU C 45 -45.85 0.62 25.55
N SER C 46 -45.94 0.98 24.28
CA SER C 46 -44.78 1.57 23.64
C SER C 46 -45.20 2.64 22.64
N GLN C 47 -46.36 3.26 22.89
CA GLN C 47 -46.99 4.32 22.09
C GLN C 47 -46.90 4.06 20.57
N GLY C 48 -47.52 2.95 20.18
CA GLY C 48 -47.52 2.52 18.80
C GLY C 48 -46.78 1.24 18.56
N GLY C 49 -46.09 0.71 19.56
CA GLY C 49 -45.32 -0.49 19.36
C GLY C 49 -43.90 -0.27 18.92
N TRP C 50 -43.32 0.87 19.25
CA TRP C 50 -41.93 1.09 18.88
C TRP C 50 -41.02 0.32 19.82
N ARG C 51 -39.97 -0.25 19.25
CA ARG C 51 -39.01 -1.01 20.03
C ARG C 51 -38.20 -0.06 20.90
N GLU C 52 -38.37 -0.18 22.20
CA GLU C 52 -37.70 0.67 23.15
C GLU C 52 -36.43 -0.04 23.61
N LEU C 53 -35.36 0.72 23.76
CA LEU C 53 -34.07 0.15 24.10
C LEU C 53 -33.61 0.73 25.42
N LEU C 54 -32.58 0.12 25.99
CA LEU C 54 -32.21 0.50 27.34
C LEU C 54 -30.90 1.27 27.38
N GLY C 55 -29.95 0.94 26.54
CA GLY C 55 -28.78 1.78 26.43
C GLY C 55 -27.64 1.42 27.34
N GLY C 56 -27.78 1.71 28.63
CA GLY C 56 -26.68 1.51 29.55
C GLY C 56 -26.36 0.07 29.86
N ALA C 57 -27.30 -0.84 29.59
CA ALA C 57 -27.18 -2.19 30.11
C ALA C 57 -26.36 -3.10 29.22
N GLY C 58 -26.30 -2.84 27.92
CA GLY C 58 -25.65 -3.77 27.02
C GLY C 58 -24.14 -3.78 27.22
N VAL C 59 -23.54 -4.94 27.01
CA VAL C 59 -22.09 -5.02 27.11
C VAL C 59 -21.50 -4.42 25.84
N ARG C 60 -20.33 -3.81 25.98
CA ARG C 60 -19.71 -3.13 24.86
C ARG C 60 -18.32 -3.67 24.60
N SER C 61 -17.91 -3.60 23.35
CA SER C 61 -16.70 -4.26 22.91
C SER C 61 -16.01 -3.43 21.85
N ALA C 62 -14.76 -3.77 21.61
CA ALA C 62 -13.96 -3.16 20.56
C ALA C 62 -13.21 -4.26 19.85
N SER C 63 -13.27 -4.27 18.53
CA SER C 63 -12.62 -5.30 17.74
C SER C 63 -11.63 -4.65 16.79
N ILE C 64 -10.38 -5.06 16.88
CA ILE C 64 -9.33 -4.56 16.00
C ILE C 64 -9.26 -5.51 14.82
N SER C 65 -9.08 -4.95 13.63
CA SER C 65 -8.80 -5.75 12.45
C SER C 65 -7.66 -5.09 11.69
N GLY C 66 -6.53 -5.77 11.61
CA GLY C 66 -5.40 -5.24 10.90
C GLY C 66 -4.86 -6.22 9.90
N ALA C 67 -4.49 -5.75 8.71
CA ALA C 67 -3.92 -6.60 7.69
C ALA C 67 -2.76 -5.89 7.04
N GLY C 68 -1.77 -6.65 6.60
CA GLY C 68 -0.67 -5.99 5.91
C GLY C 68 0.36 -6.97 5.45
N VAL C 69 1.50 -6.43 5.06
CA VAL C 69 2.59 -7.23 4.52
C VAL C 69 3.50 -7.67 5.65
N PHE C 70 4.07 -8.86 5.50
CA PHE C 70 4.95 -9.38 6.54
C PHE C 70 6.29 -8.68 6.45
N LYS C 71 6.50 -7.69 7.30
CA LYS C 71 7.80 -7.09 7.52
C LYS C 71 8.25 -7.54 8.89
N ASP C 72 9.32 -8.34 8.94
CA ASP C 72 9.70 -9.03 10.17
C ASP C 72 10.39 -8.11 11.18
N ALA C 73 9.67 -7.08 11.59
CA ALA C 73 10.17 -6.20 12.63
C ALA C 73 10.09 -6.90 13.98
N ASP C 74 10.76 -6.32 14.97
CA ASP C 74 10.67 -6.83 16.33
C ASP C 74 9.26 -6.66 16.89
N THR C 75 8.54 -5.64 16.42
CA THR C 75 7.17 -5.44 16.86
C THR C 75 6.26 -6.51 16.27
N ASP C 76 6.64 -7.11 15.15
CA ASP C 76 5.86 -8.19 14.59
C ASP C 76 6.09 -9.48 15.37
N GLU C 77 7.31 -9.70 15.84
CA GLU C 77 7.57 -10.90 16.65
C GLU C 77 6.95 -10.78 18.03
N ARG C 78 6.86 -9.56 18.54
CA ARG C 78 6.18 -9.34 19.80
C ARG C 78 4.67 -9.49 19.63
N ALA C 79 4.17 -9.37 18.41
CA ALA C 79 2.79 -9.75 18.15
C ALA C 79 2.63 -11.26 18.07
N ARG C 80 3.66 -11.96 17.60
CA ARG C 80 3.55 -13.39 17.46
C ARG C 80 3.61 -14.08 18.81
N GLN C 81 4.52 -13.63 19.68
CA GLN C 81 4.75 -14.38 20.90
C GLN C 81 3.62 -14.20 21.90
N ILE C 82 2.97 -13.03 21.92
CA ILE C 82 1.85 -12.84 22.83
C ILE C 82 0.63 -13.63 22.42
N PHE C 83 0.60 -14.18 21.22
CA PHE C 83 -0.41 -15.18 20.95
C PHE C 83 -0.05 -16.49 21.64
N PHE C 84 1.24 -16.81 21.71
CA PHE C 84 1.62 -18.15 22.19
C PHE C 84 1.43 -18.29 23.69
N ASP C 85 2.14 -17.51 24.49
CA ASP C 85 1.79 -17.46 25.91
C ASP C 85 0.67 -16.43 26.03
N GLY C 86 -0.54 -16.88 25.72
CA GLY C 86 -1.68 -16.03 25.43
C GLY C 86 -2.07 -15.11 26.57
N GLU C 87 -1.79 -13.84 26.37
CA GLU C 87 -1.99 -12.84 27.41
C GLU C 87 -2.81 -11.71 26.82
N VAL C 88 -3.11 -10.73 27.65
CA VAL C 88 -3.96 -9.63 27.23
C VAL C 88 -3.23 -8.30 27.37
N PRO C 89 -2.22 -8.03 26.56
CA PRO C 89 -1.41 -6.84 26.76
C PRO C 89 -2.15 -5.59 26.31
N GLU C 90 -1.52 -4.47 26.57
CA GLU C 90 -2.14 -3.19 26.32
C GLU C 90 -1.86 -2.73 24.89
N PHE C 91 -2.90 -2.26 24.21
CA PHE C 91 -2.78 -1.79 22.84
C PHE C 91 -3.27 -0.35 22.75
N GLN C 92 -3.01 0.25 21.59
CA GLN C 92 -3.25 1.67 21.40
C GLN C 92 -3.54 1.94 19.94
N VAL C 93 -4.76 2.39 19.66
CA VAL C 93 -5.17 2.80 18.33
C VAL C 93 -5.22 4.32 18.33
N ILE C 94 -4.58 4.94 17.35
CA ILE C 94 -4.61 6.39 17.23
C ILE C 94 -5.52 6.72 16.07
N ILE C 95 -6.75 7.10 16.39
CA ILE C 95 -7.64 7.72 15.41
C ILE C 95 -6.99 9.07 15.13
N PRO C 96 -6.73 9.43 13.86
CA PRO C 96 -5.61 10.34 13.54
C PRO C 96 -5.68 11.73 14.13
N ASP C 97 -6.86 12.26 14.40
CA ASP C 97 -6.92 13.52 15.13
C ASP C 97 -8.06 13.53 16.15
N PHE C 98 -8.69 12.39 16.39
CA PHE C 98 -9.34 12.20 17.68
C PHE C 98 -8.30 12.07 18.77
N GLY C 99 -7.49 11.05 18.68
CA GLY C 99 -6.51 10.76 19.70
C GLY C 99 -6.41 9.28 19.93
N ILE C 100 -6.10 8.93 21.16
CA ILE C 100 -5.61 7.62 21.51
C ILE C 100 -6.76 6.80 22.09
N VAL C 101 -6.82 5.51 21.74
CA VAL C 101 -7.86 4.65 22.28
C VAL C 101 -7.43 3.98 23.58
N GLN C 102 -6.27 3.30 23.59
CA GLN C 102 -5.57 2.85 24.81
C GLN C 102 -6.42 1.90 25.65
N GLY C 103 -6.56 0.68 25.14
CA GLY C 103 -7.16 -0.38 25.91
C GLY C 103 -6.35 -1.65 25.87
N PRO C 104 -6.69 -2.62 26.71
CA PRO C 104 -6.06 -3.95 26.60
C PRO C 104 -6.86 -4.81 25.63
N PHE C 105 -6.15 -5.55 24.80
CA PHE C 105 -6.79 -6.38 23.79
C PHE C 105 -6.12 -7.74 23.78
N MET C 106 -6.92 -8.77 23.50
CA MET C 106 -6.39 -10.10 23.29
C MET C 106 -6.28 -10.35 21.79
N ILE C 107 -5.16 -10.90 21.35
CA ILE C 107 -4.95 -11.17 19.93
C ILE C 107 -5.62 -12.52 19.63
N THR C 108 -6.83 -12.46 19.05
CA THR C 108 -7.59 -13.68 18.84
C THR C 108 -7.06 -14.45 17.65
N SER C 109 -6.87 -13.77 16.52
CA SER C 109 -6.51 -14.44 15.29
C SER C 109 -5.35 -13.72 14.63
N ILE C 110 -4.27 -14.45 14.42
CA ILE C 110 -3.14 -14.01 13.62
C ILE C 110 -2.93 -15.08 12.55
N ASP C 111 -2.59 -14.65 11.34
CA ASP C 111 -2.43 -15.61 10.26
C ASP C 111 -1.47 -15.10 9.20
N TYR C 112 -0.49 -15.92 8.86
CA TYR C 112 0.57 -15.54 7.94
C TYR C 112 0.33 -16.25 6.62
N ALA C 113 0.15 -15.48 5.56
CA ALA C 113 -0.24 -16.02 4.26
C ALA C 113 0.76 -15.60 3.20
N GLY C 114 1.04 -16.49 2.27
CA GLY C 114 1.94 -16.20 1.17
C GLY C 114 1.46 -16.84 -0.12
N SER C 115 1.97 -16.32 -1.22
CA SER C 115 1.62 -16.81 -2.54
C SER C 115 2.88 -16.96 -3.37
N HIS C 116 2.78 -17.72 -4.46
CA HIS C 116 3.94 -17.91 -5.30
C HIS C 116 4.28 -16.64 -6.08
N ASN C 117 3.28 -15.82 -6.36
CA ASN C 117 3.45 -14.60 -7.13
C ASN C 117 3.21 -13.35 -6.31
N GLY C 118 3.07 -13.49 -5.01
CA GLY C 118 2.74 -12.36 -4.15
C GLY C 118 3.74 -12.24 -3.01
N GLU C 119 3.49 -11.26 -2.16
CA GLU C 119 4.28 -11.04 -0.98
C GLU C 119 3.75 -11.88 0.18
N ALA C 120 4.50 -11.94 1.25
CA ALA C 120 4.01 -12.59 2.46
C ALA C 120 3.17 -11.60 3.23
N SER C 121 1.93 -11.96 3.48
CA SER C 121 1.00 -11.04 4.11
C SER C 121 0.45 -11.64 5.39
N TYR C 122 0.23 -10.79 6.38
CA TYR C 122 -0.39 -11.22 7.61
C TYR C 122 -1.65 -10.40 7.84
N GLU C 123 -2.69 -11.06 8.32
CA GLU C 123 -3.83 -10.39 8.89
C GLU C 123 -3.75 -10.55 10.39
N LEU C 124 -4.54 -9.78 11.11
CA LEU C 124 -4.42 -9.68 12.55
C LEU C 124 -5.72 -9.15 13.11
N ALA C 125 -6.38 -9.95 13.93
CA ALA C 125 -7.66 -9.57 14.51
C ALA C 125 -7.57 -9.67 16.01
N MET C 126 -8.04 -8.64 16.70
CA MET C 126 -7.99 -8.57 18.14
C MET C 126 -9.36 -8.23 18.69
N ALA C 127 -9.57 -8.54 19.96
CA ALA C 127 -10.85 -8.29 20.60
C ALA C 127 -10.61 -7.58 21.92
N SER C 128 -11.62 -6.87 22.40
CA SER C 128 -11.51 -6.09 23.61
C SER C 128 -11.33 -6.99 24.81
N ALA C 129 -10.40 -6.65 25.68
CA ALA C 129 -10.13 -7.43 26.86
C ALA C 129 -10.42 -6.69 28.15
N GLY C 130 -10.85 -5.44 28.07
CA GLY C 130 -11.06 -4.68 29.26
C GLY C 130 -11.60 -3.31 28.95
N ALA C 131 -11.36 -2.39 29.87
CA ALA C 131 -11.87 -1.03 29.71
C ALA C 131 -11.12 -0.28 28.63
N LEU C 132 -11.84 0.53 27.88
CA LEU C 132 -11.27 1.39 26.86
C LEU C 132 -11.23 2.82 27.38
N SER C 133 -10.37 3.63 26.80
CA SER C 133 -10.20 5.00 27.25
C SER C 133 -10.22 5.91 26.03
N PHE C 134 -9.90 7.18 26.26
CA PHE C 134 -9.80 8.13 25.14
C PHE C 134 -8.92 9.28 25.61
N THR C 135 -7.66 9.29 25.15
CA THR C 135 -6.72 10.26 25.70
C THR C 135 -6.84 11.61 24.99
N ALA C 136 -7.15 11.60 23.69
CA ALA C 136 -7.17 12.78 22.81
C ALA C 136 -5.88 13.57 22.84
N ALA D 3 -38.20 2.01 32.57
CA ALA D 3 -37.29 0.90 32.33
C ALA D 3 -36.13 1.00 33.28
N GLN D 4 -35.44 -0.12 33.50
CA GLN D 4 -34.34 -0.12 34.45
C GLN D 4 -33.37 -1.23 34.11
N ASN D 5 -32.08 -0.92 34.19
CA ASN D 5 -31.04 -1.86 33.81
C ASN D 5 -30.89 -2.97 34.84
N GLY D 6 -30.48 -4.13 34.37
CA GLY D 6 -30.30 -5.25 35.28
C GLY D 6 -29.01 -5.22 36.04
N LYS D 7 -28.04 -4.47 35.56
CA LYS D 7 -26.76 -4.44 36.27
C LYS D 7 -26.80 -3.55 37.51
N ASP D 8 -27.94 -2.94 37.81
CA ASP D 8 -28.12 -2.24 39.06
C ASP D 8 -28.95 -3.02 40.06
N LEU D 9 -29.18 -4.31 39.82
CA LEU D 9 -29.86 -5.18 40.77
C LEU D 9 -28.77 -5.94 41.51
N LEU D 10 -28.25 -5.34 42.55
CA LEU D 10 -27.11 -5.87 43.28
C LEU D 10 -27.61 -6.62 44.50
N ILE D 11 -26.98 -7.76 44.78
CA ILE D 11 -27.21 -8.47 46.03
C ILE D 11 -25.95 -8.37 46.87
N LYS D 12 -26.12 -7.99 48.13
CA LYS D 12 -25.01 -7.61 48.97
C LYS D 12 -24.88 -8.52 50.18
N LEU D 13 -23.64 -8.72 50.59
CA LEU D 13 -23.27 -9.61 51.67
C LEU D 13 -22.55 -8.81 52.75
N ASP D 14 -22.67 -9.28 53.99
CA ASP D 14 -22.01 -8.60 55.11
C ASP D 14 -20.60 -9.10 55.30
N LEU D 15 -19.66 -8.16 55.40
CA LEU D 15 -18.28 -8.53 55.67
C LEU D 15 -18.05 -8.73 57.16
N THR D 16 -18.40 -7.74 57.97
CA THR D 16 -18.23 -7.84 59.41
C THR D 16 -19.46 -8.38 60.12
N GLY D 17 -20.52 -8.69 59.40
CA GLY D 17 -21.75 -9.13 60.03
C GLY D 17 -22.62 -8.01 60.55
N SER D 18 -22.19 -6.76 60.42
CA SER D 18 -22.94 -5.61 60.94
C SER D 18 -22.79 -4.45 59.96
N GLY D 19 -23.75 -4.34 59.05
CA GLY D 19 -23.93 -3.15 58.24
C GLY D 19 -22.95 -2.93 57.10
N GLN D 20 -21.84 -3.65 57.06
CA GLN D 20 -20.85 -3.47 56.01
C GLN D 20 -21.23 -4.37 54.85
N PHE D 21 -22.00 -3.84 53.92
CA PHE D 21 -22.58 -4.61 52.83
C PHE D 21 -21.80 -4.37 51.55
N GLU D 22 -21.34 -5.45 50.93
CA GLU D 22 -20.66 -5.38 49.65
C GLU D 22 -21.22 -6.42 48.71
N THR D 23 -21.16 -6.12 47.42
CA THR D 23 -21.51 -7.08 46.39
C THR D 23 -20.49 -8.20 46.40
N ILE D 24 -20.91 -9.39 45.99
CA ILE D 24 -20.12 -10.59 46.22
C ILE D 24 -18.86 -10.60 45.36
N ALA D 25 -19.05 -10.69 44.05
CA ALA D 25 -17.96 -10.91 43.13
C ALA D 25 -18.47 -10.56 41.75
N GLY D 26 -17.77 -10.99 40.71
CA GLY D 26 -18.37 -10.93 39.41
C GLY D 26 -19.51 -11.91 39.34
N LEU D 27 -20.73 -11.39 39.45
CA LEU D 27 -21.92 -12.22 39.36
C LEU D 27 -22.63 -11.83 38.08
N ARG D 28 -22.98 -12.82 37.28
CA ARG D 28 -23.51 -12.53 35.96
C ARG D 28 -25.02 -12.59 35.90
N ALA D 29 -25.65 -13.39 36.74
CA ALA D 29 -27.10 -13.47 36.78
C ALA D 29 -27.52 -13.55 38.23
N THR D 30 -28.51 -12.74 38.60
CA THR D 30 -28.97 -12.70 39.96
C THR D 30 -30.49 -12.69 39.99
N ARG D 31 -31.04 -13.24 41.07
CA ARG D 31 -32.48 -13.37 41.20
C ARG D 31 -32.85 -13.51 42.65
N ILE D 32 -33.76 -12.68 43.12
CA ILE D 32 -34.44 -12.88 44.39
C ILE D 32 -35.85 -13.36 44.08
N SER D 33 -36.25 -14.46 44.69
CA SER D 33 -37.52 -15.10 44.36
C SER D 33 -38.36 -15.26 45.62
N PHE D 34 -39.54 -14.66 45.62
CA PHE D 34 -40.43 -14.74 46.75
C PHE D 34 -41.50 -15.79 46.51
N ASN D 35 -42.04 -16.35 47.59
CA ASN D 35 -43.00 -17.43 47.51
C ASN D 35 -44.02 -17.34 48.63
N ALA D 36 -45.26 -17.72 48.32
CA ALA D 36 -46.30 -17.90 49.32
C ALA D 36 -46.75 -19.35 49.26
N GLU D 37 -47.64 -19.75 50.16
CA GLU D 37 -47.85 -21.17 50.34
C GLU D 37 -49.22 -21.66 49.89
N THR D 38 -50.12 -20.77 49.46
CA THR D 38 -51.47 -21.02 48.95
C THR D 38 -52.26 -22.03 49.81
N VAL D 39 -52.61 -21.55 51.01
CA VAL D 39 -53.36 -22.38 51.95
C VAL D 39 -54.84 -22.42 51.57
N ASP D 40 -55.31 -23.60 51.19
CA ASP D 40 -56.62 -23.77 50.58
C ASP D 40 -57.70 -23.80 51.66
N VAL D 41 -58.68 -22.93 51.53
CA VAL D 41 -59.87 -22.92 52.37
C VAL D 41 -61.06 -22.98 51.42
N THR D 42 -61.50 -24.17 51.09
CA THR D 42 -62.59 -24.33 50.15
C THR D 42 -63.79 -24.89 50.90
N SER D 43 -64.80 -24.07 51.09
CA SER D 43 -65.97 -24.44 51.86
C SER D 43 -66.85 -25.42 51.09
N LEU D 44 -67.97 -25.76 51.72
CA LEU D 44 -69.03 -26.45 51.01
C LEU D 44 -69.70 -25.50 50.04
N GLU D 45 -69.82 -24.24 50.42
CA GLU D 45 -70.42 -23.22 49.57
C GLU D 45 -69.30 -22.33 49.04
N SER D 46 -69.23 -22.21 47.72
CA SER D 46 -68.21 -21.35 47.16
C SER D 46 -68.72 -20.64 45.91
N GLN D 47 -70.04 -20.42 45.84
CA GLN D 47 -70.79 -19.77 44.76
C GLN D 47 -70.31 -20.20 43.37
N GLY D 48 -70.45 -21.50 43.11
CA GLY D 48 -70.03 -22.10 41.87
C GLY D 48 -68.89 -23.07 42.01
N GLY D 49 -68.29 -23.17 43.18
CA GLY D 49 -67.16 -24.05 43.36
C GLY D 49 -65.83 -23.42 43.09
N TRP D 50 -65.71 -22.11 43.26
CA TRP D 50 -64.42 -21.48 43.08
C TRP D 50 -63.52 -21.74 44.27
N ARG D 51 -62.26 -22.00 44.00
CA ARG D 51 -61.31 -22.25 45.06
C ARG D 51 -61.04 -20.97 45.82
N GLU D 52 -61.43 -20.96 47.08
CA GLU D 52 -61.27 -19.79 47.94
C GLU D 52 -59.97 -19.95 48.71
N LEU D 53 -59.24 -18.86 48.86
CA LEU D 53 -57.94 -18.88 49.50
C LEU D 53 -57.97 -18.00 50.73
N LEU D 54 -56.95 -18.13 51.55
CA LEU D 54 -57.01 -17.47 52.84
C LEU D 54 -56.06 -16.28 52.92
N GLY D 55 -54.89 -16.38 52.31
CA GLY D 55 -54.04 -15.21 52.20
C GLY D 55 -53.07 -15.01 53.34
N GLY D 56 -53.56 -14.61 54.51
CA GLY D 56 -52.67 -14.28 55.59
C GLY D 56 -52.00 -15.47 56.24
N ALA D 57 -52.52 -16.67 56.03
CA ALA D 57 -52.08 -17.81 56.83
C ALA D 57 -50.85 -18.51 56.28
N GLY D 58 -50.61 -18.43 54.97
CA GLY D 58 -49.52 -19.18 54.38
C GLY D 58 -48.18 -18.64 54.80
N VAL D 59 -47.20 -19.54 54.93
CA VAL D 59 -45.86 -19.11 55.26
C VAL D 59 -45.23 -18.52 54.01
N ARG D 60 -44.37 -17.53 54.19
CA ARG D 60 -43.78 -16.84 53.05
C ARG D 60 -42.27 -16.91 53.13
N SER D 61 -41.65 -16.87 51.96
CA SER D 61 -40.23 -17.14 51.85
C SER D 61 -39.63 -16.27 50.77
N ALA D 62 -38.30 -16.18 50.79
CA ALA D 62 -37.54 -15.49 49.76
C ALA D 62 -36.34 -16.35 49.42
N SER D 63 -36.12 -16.58 48.14
CA SER D 63 -35.03 -17.41 47.68
C SER D 63 -34.12 -16.61 46.78
N ILE D 64 -32.86 -16.54 47.13
CA ILE D 64 -31.85 -15.84 46.35
C ILE D 64 -31.25 -16.86 45.39
N SER D 65 -31.00 -16.45 44.17
CA SER D 65 -30.24 -17.27 43.23
C SER D 65 -29.24 -16.38 42.52
N GLY D 66 -27.97 -16.62 42.76
CA GLY D 66 -26.93 -15.83 42.13
C GLY D 66 -25.91 -16.70 41.44
N ALA D 67 -25.47 -16.30 40.26
CA ALA D 67 -24.46 -17.05 39.53
C ALA D 67 -23.47 -16.07 38.94
N GLY D 68 -22.23 -16.49 38.80
CA GLY D 68 -21.27 -15.60 38.18
C GLY D 68 -19.90 -16.23 38.08
N VAL D 69 -18.94 -15.38 37.76
CA VAL D 69 -17.57 -15.82 37.57
C VAL D 69 -16.82 -15.75 38.90
N PHE D 70 -15.88 -16.67 39.07
CA PHE D 70 -15.14 -16.71 40.31
C PHE D 70 -14.09 -15.61 40.29
N LYS D 71 -14.40 -14.50 40.94
CA LYS D 71 -13.42 -13.46 41.22
C LYS D 71 -13.14 -13.53 42.71
N ASP D 72 -11.91 -13.89 43.08
CA ASP D 72 -11.60 -14.22 44.47
C ASP D 72 -11.46 -12.98 45.36
N ALA D 73 -12.54 -12.22 45.44
CA ALA D 73 -12.57 -11.09 46.34
C ALA D 73 -12.71 -11.57 47.79
N ASP D 74 -12.48 -10.66 48.72
CA ASP D 74 -12.70 -10.97 50.13
C ASP D 74 -14.17 -11.22 50.42
N THR D 75 -15.05 -10.59 49.65
CA THR D 75 -16.48 -10.82 49.82
C THR D 75 -16.86 -12.21 49.35
N ASP D 76 -16.08 -12.78 48.43
CA ASP D 76 -16.35 -14.14 47.99
C ASP D 76 -15.90 -15.16 49.05
N GLU D 77 -14.80 -14.88 49.74
CA GLU D 77 -14.34 -15.78 50.80
C GLU D 77 -15.25 -15.68 52.02
N ARG D 78 -15.82 -14.50 52.25
CA ARG D 78 -16.79 -14.36 53.33
C ARG D 78 -18.10 -15.04 52.97
N ALA D 79 -18.36 -15.27 51.67
CA ALA D 79 -19.46 -16.15 51.30
C ALA D 79 -19.11 -17.61 51.51
N ARG D 80 -17.84 -17.97 51.35
CA ARG D 80 -17.47 -19.37 51.49
C ARG D 80 -17.48 -19.78 52.95
N GLN D 81 -16.96 -18.93 53.83
CA GLN D 81 -16.76 -19.37 55.20
C GLN D 81 -18.07 -19.45 55.96
N ILE D 82 -19.05 -18.59 55.64
CA ILE D 82 -20.34 -18.67 56.32
C ILE D 82 -21.14 -19.88 55.91
N PHE D 83 -20.74 -20.57 54.85
CA PHE D 83 -21.30 -21.89 54.65
C PHE D 83 -20.71 -22.88 55.63
N PHE D 84 -19.43 -22.73 55.96
CA PHE D 84 -18.76 -23.76 56.75
C PHE D 84 -19.20 -23.75 58.20
N ASP D 85 -18.96 -22.66 58.92
CA ASP D 85 -19.59 -22.53 60.24
C ASP D 85 -20.97 -21.95 59.97
N GLY D 86 -21.89 -22.83 59.57
CA GLY D 86 -23.16 -22.47 58.96
C GLY D 86 -24.04 -21.60 59.80
N GLU D 87 -24.14 -20.34 59.40
CA GLU D 87 -24.84 -19.35 60.17
C GLU D 87 -25.84 -18.67 59.24
N VAL D 88 -26.61 -17.75 59.81
CA VAL D 88 -27.66 -17.08 59.04
C VAL D 88 -27.42 -15.57 59.02
N PRO D 89 -26.39 -15.09 58.33
CA PRO D 89 -26.07 -13.67 58.41
C PRO D 89 -27.05 -12.84 57.60
N GLU D 90 -26.87 -11.54 57.72
CA GLU D 90 -27.80 -10.61 57.12
C GLU D 90 -27.38 -10.29 55.68
N PHE D 91 -28.34 -10.30 54.78
CA PHE D 91 -28.10 -10.03 53.37
C PHE D 91 -28.97 -8.87 52.91
N GLN D 92 -28.68 -8.39 51.72
CA GLN D 92 -29.31 -7.18 51.20
C GLN D 92 -29.37 -7.24 49.69
N VAL D 93 -30.57 -7.29 49.15
CA VAL D 93 -30.80 -7.23 47.72
C VAL D 93 -31.32 -5.84 47.39
N ILE D 94 -30.72 -5.19 46.41
CA ILE D 94 -31.17 -3.88 46.01
C ILE D 94 -31.87 -4.04 44.67
N ILE D 95 -33.20 -4.08 44.71
CA ILE D 95 -34.02 -3.94 43.51
C ILE D 95 -33.77 -2.52 43.06
N PRO D 96 -33.39 -2.27 41.80
CA PRO D 96 -32.57 -1.09 41.47
C PRO D 96 -33.19 0.27 41.74
N ASP D 97 -34.51 0.40 41.72
CA ASP D 97 -35.11 1.63 42.16
C ASP D 97 -36.38 1.40 42.97
N PHE D 98 -36.67 0.16 43.35
CA PHE D 98 -37.47 -0.06 44.54
C PHE D 98 -36.70 0.33 45.77
N GLY D 99 -35.60 -0.35 46.01
CA GLY D 99 -34.83 -0.13 47.21
C GLY D 99 -34.32 -1.44 47.75
N ILE D 100 -34.18 -1.47 49.05
CA ILE D 100 -33.38 -2.47 49.74
C ILE D 100 -34.31 -3.54 50.29
N VAL D 101 -33.89 -4.81 50.21
CA VAL D 101 -34.71 -5.89 50.75
C VAL D 101 -34.36 -6.18 52.21
N GLN D 102 -33.08 -6.41 52.53
CA GLN D 102 -32.55 -6.40 53.90
C GLN D 102 -33.22 -7.47 54.79
N GLY D 103 -32.85 -8.71 54.53
CA GLY D 103 -33.24 -9.79 55.39
C GLY D 103 -32.08 -10.71 55.73
N PRO D 104 -32.26 -11.60 56.70
CA PRO D 104 -31.25 -12.63 56.95
C PRO D 104 -31.51 -13.85 56.08
N PHE D 105 -30.45 -14.40 55.52
CA PHE D 105 -30.57 -15.54 54.64
C PHE D 105 -29.52 -16.57 55.00
N MET D 106 -29.87 -17.83 54.82
CA MET D 106 -28.92 -18.92 54.96
C MET D 106 -28.44 -19.32 53.57
N ILE D 107 -27.13 -19.51 53.44
CA ILE D 107 -26.55 -19.91 52.16
C ILE D 107 -26.68 -21.42 52.03
N THR D 108 -27.69 -21.86 51.29
CA THR D 108 -27.98 -23.28 51.22
C THR D 108 -26.99 -23.99 50.30
N SER D 109 -26.80 -23.44 49.09
CA SER D 109 -25.99 -24.12 48.09
C SER D 109 -25.01 -23.15 47.49
N ILE D 110 -23.73 -23.49 47.59
CA ILE D 110 -22.66 -22.79 46.91
C ILE D 110 -21.90 -23.86 46.11
N ASP D 111 -21.47 -23.52 44.91
CA ASP D 111 -20.79 -24.50 44.08
C ASP D 111 -19.84 -23.86 43.10
N TYR D 112 -18.61 -24.32 43.09
CA TYR D 112 -17.54 -23.74 42.28
C TYR D 112 -17.27 -24.67 41.11
N ALA D 113 -17.45 -24.17 39.89
CA ALA D 113 -17.37 -24.98 38.70
C ALA D 113 -16.35 -24.40 37.74
N GLY D 114 -15.63 -25.26 37.05
CA GLY D 114 -14.65 -24.84 36.07
C GLY D 114 -14.63 -25.78 34.89
N SER D 115 -14.09 -25.28 33.78
CA SER D 115 -13.99 -26.05 32.56
C SER D 115 -12.60 -25.87 31.97
N HIS D 116 -12.21 -26.76 31.06
CA HIS D 116 -10.89 -26.65 30.46
C HIS D 116 -10.82 -25.48 29.50
N ASN D 117 -11.95 -25.10 28.91
CA ASN D 117 -12.00 -24.02 27.94
C ASN D 117 -12.80 -22.83 28.44
N GLY D 118 -13.16 -22.81 29.71
CA GLY D 118 -13.99 -21.77 30.26
C GLY D 118 -13.34 -21.15 31.49
N GLU D 119 -14.07 -20.21 32.06
CA GLU D 119 -13.65 -19.56 33.29
C GLU D 119 -14.12 -20.36 34.48
N ALA D 120 -13.62 -20.00 35.66
CA ALA D 120 -14.14 -20.59 36.88
C ALA D 120 -15.39 -19.85 37.30
N SER D 121 -16.49 -20.59 37.44
CA SER D 121 -17.76 -19.96 37.73
C SER D 121 -18.34 -20.53 39.00
N TYR D 122 -19.02 -19.68 39.74
CA TYR D 122 -19.72 -20.11 40.94
C TYR D 122 -21.19 -19.76 40.80
N GLU D 123 -22.04 -20.66 41.24
CA GLU D 123 -23.44 -20.35 41.47
C GLU D 123 -23.62 -20.26 42.98
N LEU D 124 -24.76 -19.71 43.39
CA LEU D 124 -24.97 -19.38 44.79
C LEU D 124 -26.46 -19.26 45.03
N ALA D 125 -27.00 -20.11 45.89
CA ALA D 125 -28.42 -20.12 46.17
C ALA D 125 -28.63 -19.96 47.66
N MET D 126 -29.53 -19.07 48.03
CA MET D 126 -29.81 -18.78 49.44
C MET D 126 -31.30 -18.87 49.68
N ALA D 127 -31.66 -19.05 50.95
CA ALA D 127 -33.06 -19.17 51.33
C ALA D 127 -33.33 -18.24 52.50
N SER D 128 -34.60 -17.88 52.65
CA SER D 128 -35.00 -16.93 53.69
C SER D 128 -34.79 -17.54 55.07
N ALA D 129 -34.22 -16.76 55.97
CA ALA D 129 -33.97 -17.23 57.31
C ALA D 129 -34.75 -16.46 58.36
N GLY D 130 -35.52 -15.45 57.96
CA GLY D 130 -36.21 -14.65 58.94
C GLY D 130 -37.07 -13.61 58.27
N ALA D 131 -37.33 -12.54 59.00
CA ALA D 131 -38.19 -11.50 58.50
C ALA D 131 -37.50 -10.69 57.41
N LEU D 132 -38.28 -10.30 56.41
CA LEU D 132 -37.79 -9.45 55.34
C LEU D 132 -38.32 -8.03 55.55
N SER D 133 -37.64 -7.07 54.95
CA SER D 133 -38.02 -5.67 55.14
C SER D 133 -38.07 -5.01 53.78
N PHE D 134 -38.22 -3.69 53.76
CA PHE D 134 -38.19 -2.93 52.52
C PHE D 134 -37.84 -1.49 52.86
N THR D 135 -36.59 -1.12 52.61
CA THR D 135 -36.13 0.19 53.07
C THR D 135 -36.51 1.30 52.10
N ALA D 136 -36.51 1.00 50.80
CA ALA D 136 -36.72 1.95 49.70
C ALA D 136 -35.78 3.14 49.75
#